data_1LBY
#
_entry.id   1LBY
#
_cell.length_a   89.250
_cell.length_b   89.250
_cell.length_c   102.970
_cell.angle_alpha   90.00
_cell.angle_beta   90.00
_cell.angle_gamma   120.00
#
_symmetry.space_group_name_H-M   'P 32'
#
loop_
_entity.id
_entity.type
_entity.pdbx_description
1 polymer 'fructose 1,6-bisphosphatase/inositol monophosphatase'
2 non-polymer 6-O-phosphono-beta-D-fructofuranose
3 non-polymer 'MANGANESE (II) ION'
4 non-polymer 'PHOSPHATE ION'
5 water water
#
_entity_poly.entity_id   1
_entity_poly.type   'polypeptide(L)'
_entity_poly.pdbx_seq_one_letter_code
;MDERDALRISREIAGEVRKAIASMPLRERVKDVGMGKDGTPTKAADRVAEDAALEILRKERVTVVTEESGVLGEGDVFVA
LDPLDGTFNATRGIPVYSVSLCFSYSDKLKDAFFGYVYNLATGDEYYADSSGAYRNGERIEVSDAEELYCNAIIYYPDRK
FPFKRMRIFGSAATELCFFADGSFDCFLDIRPGKMLRIYDAAAGVFIAEKAGGKVTELDGESLGNKKFDMQERLNIVAAN
EKLHPKLLELIK
;
_entity_poly.pdbx_strand_id   A,B
#
loop_
_chem_comp.id
_chem_comp.type
_chem_comp.name
_chem_comp.formula
F6P D-saccharide, beta linking 6-O-phosphono-beta-D-fructofuranose 'C6 H13 O9 P'
MN non-polymer 'MANGANESE (II) ION' 'Mn 2'
PO4 non-polymer 'PHOSPHATE ION' 'O4 P -3'
#
# COMPACT_ATOMS: atom_id res chain seq x y z
N MET A 1 -23.16 -27.58 2.16
CA MET A 1 -22.31 -26.60 2.84
C MET A 1 -23.04 -25.28 3.10
N ASP A 2 -22.85 -24.76 4.31
CA ASP A 2 -23.43 -23.47 4.67
C ASP A 2 -22.35 -22.43 4.94
N GLU A 3 -22.79 -21.26 5.43
CA GLU A 3 -21.83 -20.18 5.64
C GLU A 3 -20.88 -20.53 6.79
N ARG A 4 -21.46 -21.03 7.88
CA ARG A 4 -20.61 -21.32 9.04
C ARG A 4 -19.54 -22.30 8.62
N ASP A 5 -19.98 -23.31 7.87
CA ASP A 5 -19.02 -24.27 7.33
C ASP A 5 -18.00 -23.47 6.51
N ALA A 6 -18.52 -22.49 5.77
CA ALA A 6 -17.65 -21.70 4.91
C ALA A 6 -16.66 -20.90 5.75
N LEU A 7 -17.16 -20.31 6.84
CA LEU A 7 -16.35 -19.51 7.74
C LEU A 7 -15.27 -20.35 8.45
N ARG A 8 -15.63 -21.59 8.74
CA ARG A 8 -14.76 -22.56 9.39
C ARG A 8 -13.65 -22.99 8.44
N ILE A 9 -14.01 -23.32 7.20
CA ILE A 9 -12.98 -23.73 6.26
C ILE A 9 -12.04 -22.57 5.97
N SER A 10 -12.60 -21.38 5.77
CA SER A 10 -11.72 -20.27 5.40
C SER A 10 -10.71 -19.97 6.49
N ARG A 11 -11.15 -19.96 7.75
CA ARG A 11 -10.17 -19.65 8.80
C ARG A 11 -9.12 -20.75 8.83
N GLU A 12 -9.52 -22.00 8.56
CA GLU A 12 -8.54 -23.08 8.57
C GLU A 12 -7.53 -22.87 7.46
N ILE A 13 -8.07 -22.50 6.30
CA ILE A 13 -7.17 -22.16 5.21
C ILE A 13 -6.27 -20.99 5.57
N ALA A 14 -6.85 -19.91 6.10
CA ALA A 14 -6.10 -18.72 6.46
C ALA A 14 -4.89 -19.04 7.33
N GLY A 15 -5.09 -19.88 8.34
CA GLY A 15 -3.95 -20.20 9.19
C GLY A 15 -2.84 -20.91 8.43
N GLU A 16 -3.17 -21.87 7.57
CA GLU A 16 -2.18 -22.68 6.88
C GLU A 16 -1.37 -21.82 5.92
N VAL A 17 -2.06 -21.12 5.03
CA VAL A 17 -1.38 -20.24 4.09
C VAL A 17 -0.49 -19.25 4.83
N ARG A 18 -1.04 -18.66 5.89
CA ARG A 18 -0.34 -17.66 6.70
C ARG A 18 1.05 -18.18 7.10
N LYS A 19 1.09 -19.37 7.65
CA LYS A 19 2.24 -20.14 8.10
C LYS A 19 3.22 -20.47 6.99
N ALA A 20 2.72 -21.00 5.88
CA ALA A 20 3.57 -21.36 4.75
C ALA A 20 4.38 -20.18 4.21
N ILE A 21 3.73 -19.04 4.00
CA ILE A 21 4.35 -17.85 3.43
C ILE A 21 5.25 -17.16 4.44
N ALA A 22 4.77 -17.17 5.68
CA ALA A 22 5.50 -16.50 6.75
C ALA A 22 6.91 -17.04 6.88
N SER A 23 7.04 -18.35 6.64
CA SER A 23 8.29 -19.07 6.76
C SER A 23 9.27 -18.71 5.64
N MET A 24 8.73 -18.59 4.44
CA MET A 24 9.46 -18.34 3.21
C MET A 24 10.05 -16.94 3.16
N PRO A 25 11.37 -16.86 3.25
CA PRO A 25 12.07 -15.58 3.09
C PRO A 25 11.85 -15.03 1.67
N LEU A 26 11.94 -13.73 1.52
CA LEU A 26 11.68 -13.05 0.28
C LEU A 26 12.33 -13.70 -0.93
N ARG A 27 13.57 -14.14 -0.80
CA ARG A 27 14.34 -14.53 -1.99
C ARG A 27 13.86 -15.85 -2.55
N GLU A 28 13.13 -16.58 -1.71
CA GLU A 28 12.51 -17.83 -2.11
C GLU A 28 11.17 -17.52 -2.77
N ARG A 29 10.40 -16.66 -2.09
CA ARG A 29 9.08 -16.27 -2.55
C ARG A 29 9.11 -15.80 -4.00
N VAL A 30 10.14 -15.07 -4.40
CA VAL A 30 10.20 -14.41 -5.69
C VAL A 30 10.45 -15.34 -6.87
N LYS A 31 10.72 -16.62 -6.63
CA LYS A 31 11.18 -17.50 -7.70
C LYS A 31 10.06 -18.16 -8.48
N ASP A 32 10.21 -18.07 -9.81
CA ASP A 32 9.27 -18.68 -10.75
C ASP A 32 9.29 -20.19 -10.62
N VAL A 33 8.17 -20.82 -10.21
CA VAL A 33 8.19 -22.27 -10.20
C VAL A 33 7.49 -22.78 -11.46
N GLY A 34 6.70 -21.93 -12.12
CA GLY A 34 5.99 -22.43 -13.29
C GLY A 34 5.05 -21.44 -13.95
N MET A 35 4.43 -21.89 -15.03
CA MET A 35 3.54 -21.04 -15.87
C MET A 35 2.07 -21.35 -15.19
N GLY A 36 1.43 -20.29 -14.70
CA GLY A 36 0.14 -20.43 -14.06
C GLY A 36 -1.01 -20.63 -15.02
N LYS A 37 -2.06 -21.29 -14.57
CA LYS A 37 -3.41 -21.51 -15.19
C LYS A 37 -4.01 -20.21 -15.65
N ASP A 38 -3.59 -19.12 -15.08
CA ASP A 38 -3.97 -17.75 -15.38
C ASP A 38 -3.16 -17.19 -16.58
N GLY A 39 -2.00 -17.75 -16.85
CA GLY A 39 -1.15 -17.33 -17.96
C GLY A 39 0.06 -16.49 -17.62
N THR A 40 0.19 -16.38 -16.20
CA THR A 40 1.28 -15.59 -15.59
C THR A 40 2.13 -16.47 -14.71
N PRO A 41 3.40 -16.13 -14.50
CA PRO A 41 4.24 -17.03 -13.64
C PRO A 41 3.57 -17.27 -12.25
N THR A 42 3.63 -18.53 -11.86
CA THR A 42 3.36 -19.10 -10.57
C THR A 42 4.64 -19.10 -9.73
N LYS A 43 4.81 -18.10 -8.85
CA LYS A 43 6.01 -18.01 -8.05
C LYS A 43 5.95 -18.94 -6.84
N ALA A 44 7.13 -19.24 -6.32
CA ALA A 44 7.27 -20.18 -5.20
C ALA A 44 6.28 -19.91 -4.07
N ALA A 45 6.06 -18.63 -3.74
CA ALA A 45 5.10 -18.37 -2.66
C ALA A 45 3.67 -18.63 -3.14
N ASP A 46 3.30 -18.33 -4.39
CA ASP A 46 1.93 -18.69 -4.75
C ASP A 46 1.74 -20.20 -4.73
N ARG A 47 2.82 -20.94 -4.97
CA ARG A 47 2.72 -22.41 -4.99
C ARG A 47 2.37 -22.94 -3.61
N VAL A 48 3.07 -22.51 -2.57
CA VAL A 48 2.81 -22.95 -1.20
C VAL A 48 1.44 -22.53 -0.70
N ALA A 49 1.08 -21.27 -0.95
CA ALA A 49 -0.27 -20.81 -0.63
C ALA A 49 -1.35 -21.70 -1.22
N GLU A 50 -1.32 -21.89 -2.53
CA GLU A 50 -2.37 -22.61 -3.23
C GLU A 50 -2.41 -24.07 -2.81
N ASP A 51 -1.21 -24.58 -2.52
CA ASP A 51 -1.10 -25.91 -1.97
C ASP A 51 -1.84 -26.03 -0.64
N ALA A 52 -1.46 -25.21 0.35
CA ALA A 52 -2.07 -25.23 1.67
C ALA A 52 -3.59 -25.25 1.59
N ALA A 53 -4.07 -24.30 0.80
CA ALA A 53 -5.49 -24.09 0.56
C ALA A 53 -6.16 -25.33 -0.02
N LEU A 54 -5.61 -25.79 -1.14
CA LEU A 54 -6.21 -26.90 -1.86
C LEU A 54 -6.23 -28.19 -1.07
N GLU A 55 -5.46 -28.26 0.01
CA GLU A 55 -5.44 -29.51 0.78
C GLU A 55 -6.63 -29.52 1.73
N ILE A 56 -6.96 -28.34 2.25
CA ILE A 56 -8.14 -28.22 3.12
C ILE A 56 -9.39 -28.26 2.26
N LEU A 57 -9.27 -27.58 1.13
CA LEU A 57 -10.37 -27.38 0.21
C LEU A 57 -10.90 -28.63 -0.46
N ARG A 58 -10.00 -29.43 -1.04
CA ARG A 58 -10.54 -30.53 -1.85
C ARG A 58 -11.09 -31.67 -1.01
N LYS A 59 -11.16 -31.51 0.30
CA LYS A 59 -11.78 -32.52 1.15
C LYS A 59 -13.28 -32.18 1.29
N GLU A 60 -13.66 -31.22 0.46
CA GLU A 60 -14.99 -30.65 0.38
C GLU A 60 -15.67 -30.97 -0.93
N ARG A 61 -17.00 -30.88 -0.97
CA ARG A 61 -17.72 -31.11 -2.23
C ARG A 61 -17.83 -29.80 -2.98
N VAL A 62 -16.71 -29.41 -3.59
CA VAL A 62 -16.63 -28.13 -4.27
C VAL A 62 -16.00 -28.27 -5.65
N THR A 63 -16.45 -27.43 -6.57
CA THR A 63 -15.69 -27.19 -7.78
C THR A 63 -14.83 -25.96 -7.54
N VAL A 64 -13.52 -26.12 -7.45
CA VAL A 64 -12.72 -24.94 -7.15
C VAL A 64 -12.09 -24.34 -8.42
N VAL A 65 -12.12 -23.02 -8.44
CA VAL A 65 -11.51 -22.20 -9.49
C VAL A 65 -10.38 -21.43 -8.83
N THR A 66 -9.13 -21.84 -9.06
CA THR A 66 -8.01 -21.17 -8.39
C THR A 66 -7.00 -20.56 -9.36
N GLU A 67 -6.35 -19.44 -8.78
CA GLU A 67 -5.42 -18.70 -9.62
C GLU A 67 -4.45 -19.61 -10.37
N GLU A 68 -3.61 -20.35 -9.70
CA GLU A 68 -2.53 -21.03 -10.40
C GLU A 68 -3.00 -22.31 -11.10
N SER A 69 -3.82 -23.11 -10.42
CA SER A 69 -4.14 -24.43 -10.95
C SER A 69 -5.43 -24.55 -11.75
N GLY A 70 -6.22 -23.53 -12.05
CA GLY A 70 -7.36 -23.76 -12.93
C GLY A 70 -8.62 -24.30 -12.28
N VAL A 71 -9.42 -25.06 -13.03
CA VAL A 71 -10.67 -25.61 -12.49
C VAL A 71 -10.46 -27.02 -11.95
N LEU A 72 -10.75 -27.19 -10.66
CA LEU A 72 -10.48 -28.42 -9.94
C LEU A 72 -11.76 -29.01 -9.36
N GLY A 73 -11.90 -30.32 -9.52
CA GLY A 73 -13.01 -31.03 -8.90
C GLY A 73 -14.30 -30.75 -9.65
N GLU A 74 -15.40 -31.23 -9.08
CA GLU A 74 -16.69 -31.25 -9.74
C GLU A 74 -17.84 -31.08 -8.76
N GLY A 75 -17.53 -30.78 -7.50
CA GLY A 75 -18.60 -30.61 -6.52
C GLY A 75 -19.47 -29.44 -6.93
N ASP A 76 -20.66 -29.30 -6.35
CA ASP A 76 -21.58 -28.29 -6.90
C ASP A 76 -21.60 -27.00 -6.09
N VAL A 77 -20.67 -26.85 -5.16
CA VAL A 77 -20.43 -25.53 -4.56
C VAL A 77 -19.16 -24.98 -5.20
N PHE A 78 -19.25 -23.79 -5.79
CA PHE A 78 -18.04 -23.25 -6.42
C PHE A 78 -17.29 -22.34 -5.47
N VAL A 79 -15.97 -22.50 -5.46
CA VAL A 79 -15.05 -21.68 -4.67
C VAL A 79 -14.15 -20.84 -5.57
N ALA A 80 -14.31 -19.51 -5.51
CA ALA A 80 -13.39 -18.68 -6.29
C ALA A 80 -12.14 -18.45 -5.44
N LEU A 81 -11.04 -19.11 -5.82
CA LEU A 81 -9.88 -19.01 -4.95
C LEU A 81 -8.75 -18.13 -5.49
N ASP A 82 -8.36 -17.28 -4.55
CA ASP A 82 -7.10 -16.57 -4.74
C ASP A 82 -6.19 -16.90 -3.57
N PRO A 83 -5.18 -17.74 -3.82
CA PRO A 83 -4.33 -18.26 -2.74
C PRO A 83 -3.36 -17.22 -2.23
N LEU A 84 -3.21 -16.11 -2.96
CA LEU A 84 -2.31 -15.06 -2.48
C LEU A 84 -2.34 -13.85 -3.41
N ASP A 85 -3.40 -13.07 -3.31
CA ASP A 85 -3.51 -11.82 -4.07
C ASP A 85 -2.60 -10.78 -3.42
N GLY A 86 -1.84 -10.00 -4.17
CA GLY A 86 -0.78 -9.18 -3.63
C GLY A 86 0.57 -9.88 -3.68
N THR A 87 0.70 -10.86 -4.59
CA THR A 87 1.94 -11.62 -4.78
C THR A 87 3.13 -10.67 -4.88
N PHE A 88 3.11 -9.72 -5.82
CA PHE A 88 4.19 -8.75 -5.99
C PHE A 88 4.59 -8.10 -4.67
N ASN A 89 3.60 -7.81 -3.83
CA ASN A 89 3.90 -7.13 -2.57
C ASN A 89 4.54 -8.09 -1.58
N ALA A 90 4.11 -9.35 -1.60
CA ALA A 90 4.69 -10.29 -0.63
C ALA A 90 6.12 -10.64 -1.02
N THR A 91 6.39 -10.80 -2.33
CA THR A 91 7.74 -11.20 -2.69
C THR A 91 8.79 -10.18 -2.27
N ARG A 92 8.39 -8.93 -2.00
CA ARG A 92 9.29 -7.88 -1.57
C ARG A 92 8.99 -7.40 -0.15
N GLY A 93 8.26 -8.15 0.67
CA GLY A 93 8.08 -7.74 2.05
C GLY A 93 7.24 -6.49 2.25
N ILE A 94 6.24 -6.24 1.39
CA ILE A 94 5.29 -5.15 1.62
C ILE A 94 4.00 -5.72 2.21
N PRO A 95 3.55 -5.25 3.37
CA PRO A 95 2.49 -5.96 4.09
C PRO A 95 1.10 -5.80 3.51
N VAL A 96 0.91 -5.88 2.20
CA VAL A 96 -0.46 -5.90 1.67
C VAL A 96 -0.59 -7.06 0.68
N TYR A 97 -1.19 -8.16 1.13
CA TYR A 97 -1.44 -9.32 0.30
C TYR A 97 -2.28 -10.29 1.14
N SER A 98 -3.18 -11.01 0.47
CA SER A 98 -4.18 -11.82 1.15
C SER A 98 -4.52 -13.10 0.43
N VAL A 99 -5.22 -13.98 1.14
CA VAL A 99 -5.90 -15.13 0.58
C VAL A 99 -7.38 -14.78 0.51
N SER A 100 -7.99 -14.88 -0.67
CA SER A 100 -9.40 -14.47 -0.82
C SER A 100 -10.26 -15.66 -1.27
N LEU A 101 -11.41 -15.82 -0.64
CA LEU A 101 -12.26 -16.96 -1.00
C LEU A 101 -13.73 -16.55 -1.18
N CYS A 102 -14.35 -17.07 -2.25
CA CYS A 102 -15.76 -16.80 -2.46
C CYS A 102 -16.50 -18.08 -2.84
N PHE A 103 -17.45 -18.48 -2.00
CA PHE A 103 -18.21 -19.70 -2.20
C PHE A 103 -19.58 -19.41 -2.82
N SER A 104 -19.92 -20.19 -3.85
CA SER A 104 -21.20 -19.99 -4.51
C SER A 104 -21.95 -21.30 -4.73
N TYR A 105 -23.28 -21.22 -4.62
CA TYR A 105 -24.12 -22.40 -4.83
C TYR A 105 -24.38 -22.59 -6.32
N SER A 106 -23.64 -21.85 -7.14
CA SER A 106 -23.64 -22.11 -8.58
C SER A 106 -22.34 -21.62 -9.19
N ASP A 107 -22.11 -21.86 -10.48
CA ASP A 107 -20.93 -21.24 -11.10
C ASP A 107 -21.15 -19.76 -11.42
N LYS A 108 -22.00 -19.06 -10.68
CA LYS A 108 -22.35 -17.67 -10.92
C LYS A 108 -22.25 -16.85 -9.64
N LEU A 109 -21.70 -15.66 -9.79
CA LEU A 109 -21.45 -14.73 -8.70
C LEU A 109 -22.71 -14.37 -7.94
N LYS A 110 -23.85 -14.45 -8.63
CA LYS A 110 -25.13 -14.05 -8.05
C LYS A 110 -25.65 -15.06 -7.04
N ASP A 111 -25.03 -16.21 -6.97
CA ASP A 111 -25.40 -17.26 -6.02
C ASP A 111 -24.36 -17.41 -4.92
N ALA A 112 -23.52 -16.39 -4.79
CA ALA A 112 -22.50 -16.41 -3.74
C ALA A 112 -23.16 -16.45 -2.37
N PHE A 113 -22.68 -17.27 -1.45
CA PHE A 113 -23.22 -17.21 -0.08
C PHE A 113 -22.16 -16.78 0.92
N PHE A 114 -20.89 -16.85 0.55
CA PHE A 114 -19.90 -16.48 1.58
C PHE A 114 -18.69 -15.84 0.90
N GLY A 115 -18.10 -14.83 1.54
CA GLY A 115 -16.90 -14.18 1.02
C GLY A 115 -15.86 -13.99 2.11
N TYR A 116 -14.58 -14.11 1.79
CA TYR A 116 -13.54 -14.12 2.81
C TYR A 116 -12.23 -13.55 2.30
N VAL A 117 -11.64 -12.66 3.10
CA VAL A 117 -10.40 -12.02 2.71
C VAL A 117 -9.53 -11.83 3.96
N TYR A 118 -8.47 -12.62 3.97
CA TYR A 118 -7.54 -12.60 5.10
C TYR A 118 -6.24 -11.94 4.67
N ASN A 119 -5.90 -10.88 5.38
CA ASN A 119 -4.67 -10.14 5.27
C ASN A 119 -3.52 -10.99 5.81
N LEU A 120 -2.83 -11.65 4.89
CA LEU A 120 -1.75 -12.57 5.25
C LEU A 120 -0.60 -11.81 5.91
N ALA A 121 -0.46 -10.52 5.61
CA ALA A 121 0.59 -9.73 6.24
C ALA A 121 0.27 -9.40 7.70
N THR A 122 -0.89 -8.79 7.91
CA THR A 122 -1.27 -8.37 9.24
C THR A 122 -2.22 -9.31 9.97
N GLY A 123 -2.70 -10.39 9.35
CA GLY A 123 -3.63 -11.25 10.06
C GLY A 123 -5.00 -10.62 10.21
N ASP A 124 -5.29 -9.62 9.37
CA ASP A 124 -6.57 -8.95 9.33
C ASP A 124 -7.62 -9.79 8.59
N GLU A 125 -8.67 -10.21 9.29
CA GLU A 125 -9.70 -11.04 8.71
C GLU A 125 -10.95 -10.25 8.36
N TYR A 126 -11.40 -10.40 7.12
CA TYR A 126 -12.66 -9.88 6.64
C TYR A 126 -13.51 -11.05 6.11
N TYR A 127 -14.82 -10.87 6.16
CA TYR A 127 -15.78 -11.74 5.52
C TYR A 127 -17.19 -11.16 5.64
N ALA A 128 -18.09 -11.65 4.78
CA ALA A 128 -19.51 -11.29 4.88
C ALA A 128 -20.37 -12.53 4.75
N ASP A 129 -21.51 -12.56 5.42
CA ASP A 129 -22.46 -13.66 5.24
C ASP A 129 -23.87 -13.08 5.31
N SER A 130 -24.88 -13.89 5.60
CA SER A 130 -26.25 -13.40 5.63
C SER A 130 -26.53 -12.47 6.79
N SER A 131 -25.54 -12.31 7.67
CA SER A 131 -25.73 -11.48 8.84
C SER A 131 -25.01 -10.14 8.77
N GLY A 132 -24.12 -9.96 7.80
CA GLY A 132 -23.40 -8.69 7.67
C GLY A 132 -21.93 -8.83 7.37
N ALA A 133 -21.25 -7.71 7.11
CA ALA A 133 -19.82 -7.74 6.80
C ALA A 133 -19.01 -7.46 8.05
N TYR A 134 -17.84 -8.06 8.15
CA TYR A 134 -17.01 -8.00 9.34
C TYR A 134 -15.51 -7.82 9.09
N ARG A 135 -14.86 -7.23 10.08
CA ARG A 135 -13.41 -7.09 10.15
C ARG A 135 -12.95 -7.43 11.56
N ASN A 136 -12.16 -8.48 11.69
CA ASN A 136 -11.67 -8.93 12.99
C ASN A 136 -12.80 -9.07 14.01
N GLY A 137 -13.91 -9.58 13.48
CA GLY A 137 -15.04 -9.92 14.33
C GLY A 137 -15.97 -8.75 14.52
N GLU A 138 -15.63 -7.59 13.95
CA GLU A 138 -16.55 -6.47 14.14
C GLU A 138 -17.21 -6.07 12.82
N ARG A 139 -18.51 -5.82 12.95
CA ARG A 139 -19.33 -5.46 11.80
C ARG A 139 -18.71 -4.29 11.05
N ILE A 140 -18.97 -4.19 9.76
CA ILE A 140 -18.49 -3.07 8.97
C ILE A 140 -19.49 -2.68 7.89
N GLU A 141 -19.43 -1.42 7.47
CA GLU A 141 -20.22 -1.00 6.30
C GLU A 141 -19.44 0.07 5.54
N VAL A 142 -19.90 0.36 4.33
CA VAL A 142 -19.26 1.33 3.45
C VAL A 142 -19.48 2.75 3.96
N SER A 143 -18.66 3.72 3.57
CA SER A 143 -18.81 5.10 4.03
C SER A 143 -20.02 5.77 3.40
N ASP A 144 -20.50 6.89 3.95
CA ASP A 144 -21.68 7.49 3.30
C ASP A 144 -21.51 8.86 2.59
N ALA A 145 -20.31 9.23 2.27
CA ALA A 145 -19.91 10.45 1.56
C ALA A 145 -20.23 10.37 0.08
N GLU A 146 -20.91 11.37 -0.47
CA GLU A 146 -21.34 11.36 -1.86
C GLU A 146 -20.71 12.43 -2.73
N GLU A 147 -19.51 12.90 -2.39
CA GLU A 147 -18.85 13.87 -3.26
C GLU A 147 -17.73 13.18 -4.02
N LEU A 148 -17.45 13.56 -5.28
CA LEU A 148 -16.35 12.82 -5.91
C LEU A 148 -15.02 13.25 -5.30
N TYR A 149 -15.02 14.35 -4.53
CA TYR A 149 -13.83 14.74 -3.78
C TYR A 149 -13.67 13.77 -2.61
N CYS A 150 -13.17 12.57 -2.92
CA CYS A 150 -13.12 11.51 -1.91
C CYS A 150 -11.87 10.65 -1.98
N ASN A 151 -11.84 9.62 -1.13
CA ASN A 151 -10.76 8.67 -0.97
C ASN A 151 -11.02 7.44 -1.84
N ALA A 152 -10.34 7.42 -2.99
CA ALA A 152 -10.53 6.39 -3.98
C ALA A 152 -9.31 5.49 -4.18
N ILE A 153 -9.55 4.20 -4.32
CA ILE A 153 -8.60 3.25 -4.89
C ILE A 153 -8.83 3.20 -6.39
N ILE A 154 -7.80 3.17 -7.21
CA ILE A 154 -8.16 3.26 -8.63
C ILE A 154 -7.12 2.66 -9.56
N TYR A 155 -7.58 1.82 -10.48
CA TYR A 155 -6.74 1.18 -11.47
C TYR A 155 -7.24 1.46 -12.88
N TYR A 156 -6.68 2.37 -13.62
CA TYR A 156 -5.67 3.34 -13.26
C TYR A 156 -6.15 4.75 -13.64
N PRO A 157 -5.61 5.77 -13.02
CA PRO A 157 -6.02 7.14 -13.38
C PRO A 157 -5.43 7.45 -14.76
N ASP A 158 -6.33 7.57 -15.73
CA ASP A 158 -6.03 7.84 -17.12
C ASP A 158 -5.75 9.31 -17.39
N ARG A 159 -6.21 10.13 -16.45
CA ARG A 159 -6.33 11.56 -16.63
C ARG A 159 -6.58 12.30 -15.33
N LYS A 160 -6.79 13.60 -15.44
CA LYS A 160 -7.10 14.36 -14.22
C LYS A 160 -8.53 14.00 -13.77
N PHE A 161 -8.61 13.58 -12.53
CA PHE A 161 -9.80 13.11 -11.82
C PHE A 161 -9.99 14.01 -10.61
N PRO A 162 -11.12 14.01 -9.95
CA PRO A 162 -11.41 15.01 -8.90
C PRO A 162 -11.03 14.58 -7.49
N PHE A 163 -10.65 13.33 -7.32
CA PHE A 163 -10.39 12.76 -6.00
C PHE A 163 -9.55 13.61 -5.06
N LYS A 164 -9.83 13.41 -3.77
CA LYS A 164 -9.12 13.94 -2.64
C LYS A 164 -7.80 13.17 -2.51
N ARG A 165 -7.90 11.85 -2.39
CA ARG A 165 -6.76 10.96 -2.42
C ARG A 165 -6.97 9.86 -3.48
N MET A 166 -5.85 9.45 -4.06
CA MET A 166 -5.84 8.30 -4.97
C MET A 166 -4.76 7.33 -4.50
N ARG A 167 -5.11 6.06 -4.36
CA ARG A 167 -4.19 5.03 -3.92
C ARG A 167 -4.38 3.70 -4.66
N ILE A 168 -3.26 2.99 -4.78
CA ILE A 168 -3.09 1.75 -5.49
C ILE A 168 -2.12 0.87 -4.71
N PHE A 169 -2.64 -0.03 -3.89
CA PHE A 169 -1.79 -0.86 -3.04
C PHE A 169 -1.38 -2.17 -3.73
N GLY A 170 -2.10 -2.61 -4.76
CA GLY A 170 -1.70 -3.85 -5.44
C GLY A 170 -2.30 -5.09 -4.81
N SER A 171 -3.58 -5.03 -4.42
CA SER A 171 -4.25 -6.24 -3.95
C SER A 171 -5.76 -6.10 -4.08
N ALA A 172 -6.28 -6.50 -5.25
CA ALA A 172 -7.69 -6.27 -5.54
C ALA A 172 -8.63 -6.82 -4.48
N ALA A 173 -8.41 -8.00 -3.91
CA ALA A 173 -9.36 -8.47 -2.90
C ALA A 173 -9.38 -7.59 -1.65
N THR A 174 -8.20 -7.23 -1.15
CA THR A 174 -8.01 -6.49 0.08
C THR A 174 -8.45 -5.05 -0.09
N GLU A 175 -8.19 -4.53 -1.29
CA GLU A 175 -8.55 -3.13 -1.52
C GLU A 175 -10.07 -3.00 -1.52
N LEU A 176 -10.73 -4.02 -2.07
CA LEU A 176 -12.19 -4.08 -2.02
C LEU A 176 -12.67 -4.13 -0.58
N CYS A 177 -11.88 -4.78 0.28
CA CYS A 177 -12.26 -4.80 1.69
C CYS A 177 -11.87 -3.47 2.31
N PHE A 178 -10.88 -2.81 1.71
CA PHE A 178 -10.58 -1.45 2.16
C PHE A 178 -11.76 -0.55 1.80
N PHE A 179 -12.47 -0.89 0.71
CA PHE A 179 -13.67 -0.12 0.36
C PHE A 179 -14.83 -0.49 1.30
N ALA A 180 -15.04 -1.77 1.53
CA ALA A 180 -16.07 -2.32 2.39
C ALA A 180 -16.06 -1.73 3.78
N ASP A 181 -14.86 -1.50 4.33
CA ASP A 181 -14.72 -0.94 5.66
C ASP A 181 -15.07 0.53 5.75
N GLY A 182 -15.03 1.28 4.66
CA GLY A 182 -15.24 2.72 4.68
C GLY A 182 -13.91 3.48 4.70
N SER A 183 -12.82 2.75 4.84
CA SER A 183 -11.47 3.33 4.86
C SER A 183 -11.29 4.21 3.63
N PHE A 184 -11.88 3.75 2.52
CA PHE A 184 -11.87 4.41 1.23
C PHE A 184 -13.31 4.46 0.73
N ASP A 185 -13.70 5.55 0.11
CA ASP A 185 -15.06 5.79 -0.31
C ASP A 185 -15.46 5.12 -1.62
N CYS A 186 -14.48 4.68 -2.39
CA CYS A 186 -14.78 3.93 -3.61
C CYS A 186 -13.58 3.07 -4.01
N PHE A 187 -13.80 2.22 -5.00
CA PHE A 187 -12.81 1.31 -5.56
C PHE A 187 -13.10 1.25 -7.06
N LEU A 188 -12.06 1.35 -7.87
CA LEU A 188 -12.32 1.29 -9.31
C LEU A 188 -11.17 0.56 -10.01
N ASP A 189 -11.56 -0.43 -10.80
CA ASP A 189 -10.70 -1.10 -11.76
C ASP A 189 -11.32 -0.93 -13.15
N ILE A 190 -10.94 0.19 -13.75
CA ILE A 190 -11.59 0.62 -14.98
C ILE A 190 -10.64 0.51 -16.17
N ARG A 191 -9.65 -0.37 -16.03
CA ARG A 191 -8.65 -0.50 -17.09
C ARG A 191 -9.29 -1.14 -18.32
N PRO A 192 -9.11 -0.51 -19.48
CA PRO A 192 -9.80 -0.95 -20.68
C PRO A 192 -9.48 -2.41 -20.96
N GLY A 193 -8.28 -2.82 -20.58
CA GLY A 193 -8.00 -4.25 -20.56
C GLY A 193 -8.63 -4.84 -19.30
N LYS A 194 -9.89 -5.27 -19.40
CA LYS A 194 -10.58 -5.87 -18.25
C LYS A 194 -9.71 -6.99 -17.68
N MET A 195 -8.86 -6.63 -16.71
CA MET A 195 -7.84 -7.61 -16.34
C MET A 195 -8.21 -8.43 -15.12
N LEU A 196 -9.13 -7.97 -14.27
CA LEU A 196 -9.40 -8.75 -13.06
C LEU A 196 -10.08 -10.09 -13.38
N ARG A 197 -9.67 -11.11 -12.62
CA ARG A 197 -10.20 -12.46 -12.70
C ARG A 197 -11.24 -12.69 -11.61
N ILE A 198 -12.03 -13.77 -11.74
CA ILE A 198 -13.14 -13.90 -10.80
C ILE A 198 -12.67 -14.08 -9.37
N TYR A 199 -11.55 -14.77 -9.19
CA TYR A 199 -11.09 -15.02 -7.84
C TYR A 199 -10.37 -13.82 -7.24
N ASP A 200 -9.87 -12.88 -8.06
CA ASP A 200 -9.27 -11.72 -7.40
C ASP A 200 -10.39 -10.80 -6.88
N ALA A 201 -11.59 -10.93 -7.45
CA ALA A 201 -12.61 -9.94 -7.13
C ALA A 201 -13.82 -10.51 -6.40
N ALA A 202 -14.02 -11.80 -6.58
CA ALA A 202 -15.13 -12.58 -6.07
C ALA A 202 -15.58 -12.19 -4.67
N ALA A 203 -14.77 -12.45 -3.67
CA ALA A 203 -15.21 -12.25 -2.28
C ALA A 203 -15.24 -10.78 -1.91
N GLY A 204 -14.26 -10.01 -2.38
CA GLY A 204 -14.25 -8.61 -1.97
C GLY A 204 -15.51 -7.92 -2.45
N VAL A 205 -15.93 -8.31 -3.65
CA VAL A 205 -17.17 -7.80 -4.24
C VAL A 205 -18.34 -8.21 -3.35
N PHE A 206 -18.41 -9.51 -3.06
CA PHE A 206 -19.47 -10.04 -2.21
C PHE A 206 -19.50 -9.26 -0.89
N ILE A 207 -18.38 -9.30 -0.19
CA ILE A 207 -18.17 -8.56 1.04
C ILE A 207 -18.43 -7.07 0.91
N ALA A 208 -17.97 -6.45 -0.18
CA ALA A 208 -18.28 -5.03 -0.37
C ALA A 208 -19.79 -4.78 -0.35
N GLU A 209 -20.52 -5.79 -0.82
CA GLU A 209 -21.98 -5.66 -0.90
C GLU A 209 -22.63 -5.83 0.46
N LYS A 210 -22.19 -6.78 1.29
CA LYS A 210 -22.89 -6.92 2.57
C LYS A 210 -22.69 -5.68 3.44
N ALA A 211 -21.57 -4.97 3.28
CA ALA A 211 -21.32 -3.79 4.09
C ALA A 211 -22.03 -2.56 3.54
N GLY A 212 -22.84 -2.75 2.50
CA GLY A 212 -23.63 -1.66 1.95
C GLY A 212 -23.21 -1.16 0.60
N GLY A 213 -22.04 -1.56 0.09
CA GLY A 213 -21.55 -0.97 -1.15
C GLY A 213 -22.36 -1.38 -2.34
N LYS A 214 -22.53 -0.45 -3.28
CA LYS A 214 -23.05 -0.78 -4.59
C LYS A 214 -21.83 -1.05 -5.49
N VAL A 215 -21.84 -2.12 -6.26
CA VAL A 215 -20.71 -2.64 -7.01
C VAL A 215 -21.17 -3.21 -8.35
N THR A 216 -20.60 -2.74 -9.45
CA THR A 216 -21.06 -3.10 -10.79
C THR A 216 -19.94 -3.15 -11.82
N GLU A 217 -20.34 -3.46 -13.05
CA GLU A 217 -19.43 -3.37 -14.18
C GLU A 217 -19.22 -1.89 -14.51
N LEU A 218 -18.56 -1.58 -15.61
CA LEU A 218 -18.22 -0.21 -15.96
C LEU A 218 -19.47 0.65 -16.09
N ASP A 219 -20.36 0.17 -16.94
CA ASP A 219 -21.61 0.85 -17.27
C ASP A 219 -22.67 0.57 -16.23
N GLY A 220 -22.24 0.06 -15.08
CA GLY A 220 -23.23 -0.18 -14.04
C GLY A 220 -23.90 -1.51 -14.27
N GLU A 221 -23.44 -2.30 -15.25
CA GLU A 221 -24.09 -3.61 -15.40
C GLU A 221 -23.91 -4.45 -14.15
N SER A 222 -24.83 -5.38 -13.89
CA SER A 222 -24.71 -6.22 -12.70
C SER A 222 -23.56 -7.20 -12.86
N LEU A 223 -23.01 -7.58 -11.72
CA LEU A 223 -21.95 -8.57 -11.63
C LEU A 223 -22.53 -9.94 -11.38
N GLY A 224 -23.86 -10.05 -11.50
CA GLY A 224 -24.53 -11.28 -11.16
C GLY A 224 -24.15 -12.48 -12.01
N ASN A 225 -24.02 -12.28 -13.32
CA ASN A 225 -23.70 -13.44 -14.15
C ASN A 225 -22.21 -13.69 -14.33
N LYS A 226 -21.32 -12.98 -13.66
CA LYS A 226 -19.89 -13.28 -13.82
C LYS A 226 -19.68 -14.74 -13.45
N LYS A 227 -18.97 -15.48 -14.30
CA LYS A 227 -18.86 -16.92 -14.07
C LYS A 227 -17.52 -17.25 -13.41
N PHE A 228 -17.46 -18.46 -12.89
CA PHE A 228 -16.33 -19.08 -12.22
C PHE A 228 -15.52 -19.93 -13.18
N ASP A 229 -15.91 -21.19 -13.35
CA ASP A 229 -15.31 -22.27 -14.11
C ASP A 229 -15.13 -22.02 -15.61
N MET A 230 -15.25 -20.79 -16.03
CA MET A 230 -15.06 -20.03 -17.24
C MET A 230 -14.09 -18.88 -16.96
N GLN A 231 -13.42 -18.34 -17.98
CA GLN A 231 -12.41 -17.32 -17.64
C GLN A 231 -12.84 -15.91 -18.07
N GLU A 232 -13.67 -15.44 -17.17
CA GLU A 232 -14.26 -14.19 -16.80
C GLU A 232 -13.18 -13.12 -16.62
N ARG A 233 -13.60 -11.92 -16.97
CA ARG A 233 -12.85 -10.68 -16.88
C ARG A 233 -13.69 -9.62 -16.19
N LEU A 234 -13.04 -8.88 -15.28
CA LEU A 234 -13.86 -7.92 -14.55
C LEU A 234 -13.21 -6.54 -14.49
N ASN A 235 -14.08 -5.55 -14.67
CA ASN A 235 -13.86 -4.15 -14.37
C ASN A 235 -14.86 -3.81 -13.26
N ILE A 236 -14.46 -2.98 -12.31
CA ILE A 236 -15.36 -2.69 -11.21
C ILE A 236 -15.33 -1.19 -10.90
N VAL A 237 -16.52 -0.74 -10.58
CA VAL A 237 -17.09 0.52 -10.13
C VAL A 237 -17.83 0.24 -8.83
N ALA A 238 -17.25 0.60 -7.69
CA ALA A 238 -17.84 0.22 -6.40
C ALA A 238 -17.91 1.36 -5.41
N ALA A 239 -19.13 1.81 -5.09
CA ALA A 239 -19.29 2.90 -4.13
C ALA A 239 -20.65 2.77 -3.46
N ASN A 240 -20.92 3.63 -2.46
CA ASN A 240 -22.29 3.57 -1.92
C ASN A 240 -23.27 3.94 -3.03
N GLU A 241 -24.54 3.76 -2.77
CA GLU A 241 -25.60 4.03 -3.74
C GLU A 241 -25.60 5.48 -4.17
N LYS A 242 -25.01 6.38 -3.38
CA LYS A 242 -25.08 7.80 -3.72
C LYS A 242 -23.94 8.25 -4.63
N LEU A 243 -22.70 7.97 -4.22
CA LEU A 243 -21.54 8.39 -5.03
C LEU A 243 -21.53 7.64 -6.36
N HIS A 244 -22.06 6.42 -6.32
CA HIS A 244 -22.06 5.48 -7.43
C HIS A 244 -22.46 6.06 -8.77
N PRO A 245 -23.56 6.78 -8.88
CA PRO A 245 -23.95 7.31 -10.20
C PRO A 245 -22.99 8.38 -10.69
N LYS A 246 -22.46 9.14 -9.73
CA LYS A 246 -21.54 10.21 -10.12
C LYS A 246 -20.24 9.67 -10.69
N LEU A 247 -19.76 8.57 -10.11
CA LEU A 247 -18.52 7.98 -10.63
C LEU A 247 -18.75 7.48 -12.05
N LEU A 248 -19.84 6.72 -12.17
CA LEU A 248 -20.32 6.20 -13.44
C LEU A 248 -20.30 7.32 -14.48
N GLU A 249 -20.77 8.49 -14.06
CA GLU A 249 -20.79 9.63 -14.97
C GLU A 249 -19.36 10.11 -15.21
N LEU A 250 -18.58 10.16 -14.15
CA LEU A 250 -17.23 10.67 -14.11
C LEU A 250 -16.31 10.05 -15.14
N ILE A 251 -16.42 8.74 -15.38
CA ILE A 251 -15.52 8.05 -16.29
C ILE A 251 -16.11 7.86 -17.69
N LYS A 252 -17.43 7.95 -17.80
CA LYS A 252 -18.16 7.81 -19.05
C LYS A 252 -17.60 8.74 -20.11
N MET B 1 27.70 15.78 16.71
CA MET B 1 26.95 14.56 16.41
C MET B 1 27.47 13.91 15.14
N ASP B 2 27.60 12.61 15.22
CA ASP B 2 28.16 11.65 14.29
C ASP B 2 27.13 10.78 13.59
N GLU B 3 27.49 10.32 12.40
CA GLU B 3 26.69 9.33 11.69
C GLU B 3 26.29 8.18 12.61
N ARG B 4 27.17 7.79 13.51
CA ARG B 4 26.89 6.75 14.49
C ARG B 4 26.00 7.30 15.62
N ASP B 5 26.07 8.61 15.86
CA ASP B 5 25.18 9.21 16.84
C ASP B 5 23.75 9.24 16.27
N ALA B 6 23.63 9.81 15.08
CA ALA B 6 22.33 9.98 14.43
C ALA B 6 21.54 8.69 14.37
N LEU B 7 22.18 7.56 14.09
CA LEU B 7 21.49 6.26 14.06
C LEU B 7 20.99 5.83 15.44
N ARG B 8 21.77 6.08 16.49
CA ARG B 8 21.33 5.65 17.83
C ARG B 8 20.15 6.52 18.26
N ILE B 9 20.26 7.80 17.95
CA ILE B 9 19.17 8.74 18.19
C ILE B 9 17.92 8.21 17.50
N SER B 10 18.05 8.06 16.19
CA SER B 10 16.98 7.57 15.33
C SER B 10 16.40 6.29 15.89
N ARG B 11 17.28 5.40 16.39
CA ARG B 11 16.77 4.14 16.92
C ARG B 11 15.93 4.34 18.18
N GLU B 12 16.40 5.14 19.14
CA GLU B 12 15.61 5.41 20.33
C GLU B 12 14.19 5.84 19.95
N ILE B 13 14.15 6.84 19.07
CA ILE B 13 12.88 7.46 18.71
C ILE B 13 11.92 6.50 18.04
N ALA B 14 12.44 5.71 17.11
CA ALA B 14 11.61 4.72 16.41
C ALA B 14 10.96 3.76 17.40
N GLY B 15 11.73 3.29 18.37
CA GLY B 15 11.22 2.36 19.35
C GLY B 15 10.19 3.01 20.27
N GLU B 16 10.49 4.23 20.71
CA GLU B 16 9.55 4.99 21.53
C GLU B 16 8.33 5.35 20.68
N VAL B 17 8.58 5.78 19.44
CA VAL B 17 7.45 6.14 18.58
C VAL B 17 6.65 4.92 18.17
N ARG B 18 7.32 3.77 18.12
CA ARG B 18 6.59 2.56 17.74
C ARG B 18 5.73 2.06 18.89
N LYS B 19 6.24 2.13 20.12
CA LYS B 19 5.39 1.65 21.23
C LYS B 19 4.14 2.54 21.29
N ALA B 20 4.37 3.84 21.24
CA ALA B 20 3.37 4.88 21.36
C ALA B 20 2.23 4.65 20.37
N ILE B 21 2.60 4.37 19.13
CA ILE B 21 1.56 4.20 18.11
C ILE B 21 0.83 2.87 18.28
N ALA B 22 1.59 1.79 18.49
CA ALA B 22 0.97 0.48 18.54
C ALA B 22 -0.12 0.35 19.60
N SER B 23 -0.05 1.20 20.62
CA SER B 23 -0.98 1.09 21.74
C SER B 23 -2.16 2.04 21.62
N MET B 24 -2.35 2.67 20.45
CA MET B 24 -3.53 3.50 20.28
C MET B 24 -4.52 2.78 19.37
N PRO B 25 -5.78 2.80 19.82
CA PRO B 25 -6.85 2.25 18.99
C PRO B 25 -6.96 3.09 17.72
N LEU B 26 -7.49 2.50 16.65
CA LEU B 26 -7.69 3.30 15.44
C LEU B 26 -8.60 4.48 15.79
N ARG B 27 -9.54 4.20 16.68
CA ARG B 27 -10.49 5.12 17.27
C ARG B 27 -9.83 6.39 17.80
N GLU B 28 -8.81 6.18 18.63
CA GLU B 28 -8.08 7.25 19.29
C GLU B 28 -7.08 7.93 18.35
N ARG B 29 -6.62 7.21 17.35
CA ARG B 29 -5.65 7.71 16.38
C ARG B 29 -6.20 8.78 15.46
N VAL B 30 -7.25 8.52 14.71
CA VAL B 30 -7.74 9.40 13.65
C VAL B 30 -8.31 10.71 14.18
N LYS B 31 -8.30 10.92 15.48
CA LYS B 31 -8.86 12.12 16.10
C LYS B 31 -8.00 13.36 15.91
N ASP B 32 -8.56 14.35 15.20
CA ASP B 32 -7.96 15.67 15.01
C ASP B 32 -7.63 16.30 16.37
N VAL B 33 -6.46 16.91 16.52
CA VAL B 33 -6.20 17.56 17.80
C VAL B 33 -5.73 18.99 17.61
N GLY B 34 -5.52 19.40 16.36
CA GLY B 34 -5.14 20.81 16.19
C GLY B 34 -4.77 21.06 14.74
N MET B 35 -4.30 22.27 14.48
CA MET B 35 -3.76 22.66 13.19
C MET B 35 -2.25 22.52 13.22
N GLY B 36 -1.70 21.64 12.37
CA GLY B 36 -0.25 21.50 12.39
C GLY B 36 0.38 22.77 11.84
N LYS B 37 1.66 23.05 12.08
CA LYS B 37 2.21 24.27 11.49
C LYS B 37 2.35 24.07 9.99
N ASP B 38 2.32 22.80 9.55
CA ASP B 38 2.35 22.63 8.10
C ASP B 38 1.03 22.94 7.42
N GLY B 39 -0.02 23.41 8.08
CA GLY B 39 -1.22 23.79 7.32
C GLY B 39 -2.26 22.71 7.11
N THR B 40 -2.12 21.60 7.79
CA THR B 40 -2.99 20.44 7.82
C THR B 40 -3.31 20.12 9.26
N PRO B 41 -4.35 19.33 9.49
CA PRO B 41 -4.68 18.97 10.87
C PRO B 41 -3.65 18.03 11.47
N THR B 42 -3.30 18.26 12.73
CA THR B 42 -2.59 17.23 13.46
C THR B 42 -3.60 16.23 14.01
N LYS B 43 -3.40 14.93 13.78
CA LYS B 43 -4.23 13.90 14.38
C LYS B 43 -3.57 13.40 15.66
N ALA B 44 -4.34 12.71 16.50
CA ALA B 44 -3.73 12.29 17.77
C ALA B 44 -2.52 11.37 17.53
N ALA B 45 -2.61 10.54 16.49
CA ALA B 45 -1.49 9.66 16.15
C ALA B 45 -0.23 10.45 15.81
N ASP B 46 -0.45 11.64 15.26
CA ASP B 46 0.61 12.54 14.82
C ASP B 46 1.37 13.16 15.98
N ARG B 47 0.68 13.65 17.01
CA ARG B 47 1.38 14.34 18.11
C ARG B 47 1.98 13.36 19.12
N VAL B 48 1.28 12.27 19.39
CA VAL B 48 1.76 11.15 20.18
C VAL B 48 3.16 10.73 19.75
N ALA B 49 3.29 10.37 18.47
CA ALA B 49 4.54 10.15 17.78
C ALA B 49 5.47 11.37 17.84
N GLU B 50 4.97 12.55 17.47
CA GLU B 50 5.87 13.70 17.50
C GLU B 50 6.39 13.98 18.90
N ASP B 51 5.51 14.03 19.88
CA ASP B 51 5.96 14.24 21.26
C ASP B 51 7.02 13.21 21.67
N ALA B 52 6.85 11.96 21.23
CA ALA B 52 7.78 10.90 21.67
C ALA B 52 9.15 11.08 21.05
N ALA B 53 9.18 11.55 19.80
CA ALA B 53 10.47 11.79 19.15
C ALA B 53 11.13 13.05 19.70
N LEU B 54 10.37 14.14 19.68
CA LEU B 54 10.85 15.42 20.18
C LEU B 54 11.42 15.28 21.59
N GLU B 55 10.76 14.44 22.38
CA GLU B 55 11.21 14.11 23.72
C GLU B 55 12.69 13.70 23.71
N ILE B 56 13.15 13.07 22.64
CA ILE B 56 14.56 12.68 22.57
C ILE B 56 15.41 13.73 21.86
N LEU B 57 14.92 14.21 20.72
CA LEU B 57 15.71 15.18 19.96
C LEU B 57 16.03 16.41 20.80
N ARG B 58 15.19 16.72 21.78
CA ARG B 58 15.40 17.82 22.70
C ARG B 58 16.67 17.66 23.52
N LYS B 59 17.24 16.46 23.57
CA LYS B 59 18.49 16.32 24.31
C LYS B 59 19.66 16.74 23.42
N GLU B 60 19.40 16.90 22.11
CA GLU B 60 20.54 17.13 21.22
C GLU B 60 20.64 18.59 20.82
N ARG B 61 21.84 18.99 20.38
CA ARG B 61 22.07 20.36 19.93
C ARG B 61 21.67 20.48 18.47
N VAL B 62 20.36 20.68 18.27
CA VAL B 62 19.84 20.70 16.92
C VAL B 62 18.71 21.71 16.75
N THR B 63 18.46 21.96 15.47
CA THR B 63 17.21 22.57 15.06
C THR B 63 16.41 21.48 14.34
N VAL B 64 15.17 21.32 14.78
CA VAL B 64 14.19 20.42 14.24
C VAL B 64 13.17 21.13 13.34
N VAL B 65 13.05 20.72 12.08
CA VAL B 65 11.90 21.12 11.28
C VAL B 65 10.99 19.89 11.19
N THR B 66 9.98 19.97 12.03
CA THR B 66 9.02 18.91 12.30
C THR B 66 7.62 19.42 11.97
N GLU B 67 6.80 18.53 11.46
CA GLU B 67 5.58 18.82 10.74
C GLU B 67 4.45 19.47 11.54
N GLU B 68 4.28 19.07 12.79
CA GLU B 68 3.16 19.47 13.62
C GLU B 68 3.49 20.72 14.44
N SER B 69 4.67 20.79 15.04
CA SER B 69 5.06 21.95 15.84
C SER B 69 6.05 22.87 15.13
N GLY B 70 6.48 22.48 13.95
CA GLY B 70 7.37 23.27 13.12
C GLY B 70 8.81 23.20 13.57
N VAL B 71 9.49 24.32 13.43
CA VAL B 71 10.90 24.49 13.71
C VAL B 71 11.13 24.90 15.17
N LEU B 72 11.77 24.02 15.93
CA LEU B 72 12.09 24.23 17.33
C LEU B 72 13.58 24.03 17.60
N GLY B 73 14.19 24.98 18.28
CA GLY B 73 15.57 24.99 18.71
C GLY B 73 16.50 25.83 17.84
N GLU B 74 17.79 25.89 18.18
CA GLU B 74 18.79 26.57 17.36
C GLU B 74 20.12 25.82 17.29
N GLY B 75 20.13 24.51 17.29
CA GLY B 75 21.33 23.70 17.22
C GLY B 75 22.01 23.83 15.88
N ASP B 76 23.22 23.28 15.69
CA ASP B 76 23.84 23.53 14.37
C ASP B 76 23.55 22.38 13.41
N VAL B 77 23.17 21.27 14.04
CA VAL B 77 22.77 20.09 13.29
C VAL B 77 21.29 20.22 12.96
N PHE B 78 20.94 20.16 11.69
CA PHE B 78 19.53 20.26 11.31
C PHE B 78 18.87 18.90 11.15
N VAL B 79 17.66 18.76 11.69
CA VAL B 79 16.93 17.50 11.54
C VAL B 79 15.54 17.72 10.98
N ALA B 80 15.28 17.02 9.86
CA ALA B 80 13.93 17.06 9.30
C ALA B 80 13.21 15.80 9.77
N LEU B 81 12.04 15.99 10.37
CA LEU B 81 11.30 14.87 10.94
C LEU B 81 9.81 14.95 10.61
N ASP B 82 9.34 13.89 9.98
CA ASP B 82 7.92 13.59 9.84
C ASP B 82 7.62 12.62 10.97
N PRO B 83 6.91 13.04 12.00
CA PRO B 83 6.72 12.13 13.15
C PRO B 83 6.03 10.87 12.66
N LEU B 84 5.06 11.09 11.78
CA LEU B 84 4.22 10.06 11.17
C LEU B 84 3.88 10.47 9.74
N ASP B 85 4.35 9.66 8.80
CA ASP B 85 4.15 9.80 7.37
C ASP B 85 3.30 8.63 6.85
N GLY B 86 2.05 8.91 6.52
CA GLY B 86 1.06 7.92 6.17
C GLY B 86 -0.03 7.81 7.25
N THR B 87 -0.32 8.93 7.90
CA THR B 87 -1.29 8.96 8.99
C THR B 87 -2.65 8.38 8.59
N PHE B 88 -3.02 8.63 7.35
CA PHE B 88 -4.27 8.10 6.79
C PHE B 88 -4.25 6.59 6.84
N ASN B 89 -3.12 5.98 6.48
CA ASN B 89 -2.98 4.54 6.66
C ASN B 89 -3.07 4.17 8.14
N ALA B 90 -2.18 4.73 8.94
CA ALA B 90 -2.12 4.52 10.38
C ALA B 90 -3.49 4.55 11.03
N THR B 91 -4.33 5.51 10.62
CA THR B 91 -5.65 5.60 11.23
C THR B 91 -6.66 4.68 10.54
N ARG B 92 -6.12 3.87 9.65
CA ARG B 92 -6.92 2.85 8.99
C ARG B 92 -6.33 1.49 9.29
N GLY B 93 -5.10 1.45 9.81
CA GLY B 93 -4.52 0.13 10.05
C GLY B 93 -3.85 -0.41 8.80
N ILE B 94 -3.92 0.33 7.69
CA ILE B 94 -3.12 -0.05 6.51
C ILE B 94 -1.64 0.09 6.89
N PRO B 95 -0.91 -1.02 6.83
CA PRO B 95 0.41 -1.13 7.45
C PRO B 95 1.56 -0.63 6.58
N VAL B 96 1.53 0.66 6.26
CA VAL B 96 2.53 1.38 5.51
C VAL B 96 2.70 2.79 6.07
N TYR B 97 3.47 2.94 7.15
CA TYR B 97 3.74 4.29 7.64
C TYR B 97 5.05 4.26 8.42
N SER B 98 5.74 5.40 8.46
CA SER B 98 7.06 5.42 9.07
C SER B 98 7.34 6.69 9.83
N VAL B 99 8.42 6.66 10.62
CA VAL B 99 9.02 7.87 11.15
C VAL B 99 10.17 8.25 10.21
N SER B 100 10.26 9.52 9.84
CA SER B 100 11.33 9.91 8.92
C SER B 100 12.30 10.89 9.55
N LEU B 101 13.59 10.56 9.51
CA LEU B 101 14.58 11.48 10.05
C LEU B 101 15.74 11.68 9.06
N CYS B 102 16.00 12.94 8.75
CA CYS B 102 17.15 13.29 7.92
C CYS B 102 18.00 14.30 8.69
N PHE B 103 19.28 13.97 8.82
CA PHE B 103 20.20 14.85 9.55
C PHE B 103 21.19 15.45 8.55
N SER B 104 21.40 16.75 8.71
CA SER B 104 22.26 17.52 7.82
C SER B 104 23.27 18.34 8.62
N TYR B 105 24.38 18.73 7.99
CA TYR B 105 25.35 19.58 8.65
C TYR B 105 25.07 21.05 8.40
N SER B 106 23.91 21.31 7.81
CA SER B 106 23.47 22.68 7.59
C SER B 106 21.97 22.71 7.26
N ASP B 107 21.55 23.89 6.84
CA ASP B 107 20.23 24.23 6.38
C ASP B 107 19.77 23.52 5.12
N LYS B 108 20.70 23.09 4.27
CA LYS B 108 20.33 22.59 2.95
C LYS B 108 20.41 21.08 2.85
N LEU B 109 19.70 20.50 1.88
CA LEU B 109 19.71 19.05 1.72
C LEU B 109 21.09 18.55 1.35
N LYS B 110 21.85 19.31 0.56
CA LYS B 110 23.16 18.81 0.13
C LYS B 110 24.07 18.47 1.31
N ASP B 111 23.82 19.03 2.49
CA ASP B 111 24.67 18.73 3.65
C ASP B 111 24.19 17.53 4.44
N ALA B 112 23.20 16.78 3.96
CA ALA B 112 22.71 15.61 4.71
C ALA B 112 23.88 14.67 5.02
N PHE B 113 23.82 14.00 6.16
CA PHE B 113 24.87 13.08 6.60
C PHE B 113 24.29 11.77 7.11
N PHE B 114 22.96 11.68 7.16
CA PHE B 114 22.28 10.48 7.63
C PHE B 114 20.81 10.51 7.23
N GLY B 115 20.23 9.37 6.89
CA GLY B 115 18.80 9.34 6.57
C GLY B 115 18.18 8.13 7.25
N TYR B 116 16.99 8.25 7.84
CA TYR B 116 16.38 7.14 8.57
C TYR B 116 14.87 7.16 8.40
N VAL B 117 14.37 6.08 7.82
CA VAL B 117 12.95 5.83 7.65
C VAL B 117 12.64 4.46 8.25
N TYR B 118 11.75 4.44 9.23
CA TYR B 118 11.39 3.22 9.96
C TYR B 118 9.87 3.01 9.87
N ASN B 119 9.49 1.85 9.36
CA ASN B 119 8.10 1.46 9.22
C ASN B 119 7.57 0.99 10.57
N LEU B 120 6.67 1.80 11.12
CA LEU B 120 6.15 1.64 12.46
C LEU B 120 5.16 0.48 12.56
N ALA B 121 4.77 -0.09 11.43
CA ALA B 121 3.86 -1.23 11.45
C ALA B 121 4.65 -2.55 11.40
N THR B 122 5.58 -2.62 10.47
CA THR B 122 6.40 -3.78 10.18
C THR B 122 7.65 -3.96 11.04
N GLY B 123 8.29 -2.85 11.40
CA GLY B 123 9.55 -2.91 12.12
C GLY B 123 10.71 -2.73 11.14
N ASP B 124 10.40 -2.69 9.84
CA ASP B 124 11.47 -2.54 8.86
C ASP B 124 12.24 -1.25 9.14
N GLU B 125 13.54 -1.34 8.99
CA GLU B 125 14.41 -0.21 9.25
C GLU B 125 15.21 0.19 8.02
N TYR B 126 15.00 1.39 7.51
CA TYR B 126 15.81 1.87 6.40
C TYR B 126 16.67 3.05 6.86
N TYR B 127 17.99 2.90 6.76
CA TYR B 127 18.89 4.03 7.01
C TYR B 127 20.00 4.04 5.96
N ALA B 128 20.74 5.15 5.98
CA ALA B 128 21.88 5.35 5.11
C ALA B 128 22.87 6.29 5.79
N ASP B 129 24.15 5.96 5.64
CA ASP B 129 25.23 6.81 6.11
C ASP B 129 26.38 6.69 5.11
N SER B 130 27.55 7.20 5.44
CA SER B 130 28.70 7.09 4.56
C SER B 130 28.94 5.65 4.13
N SER B 131 28.62 4.71 5.01
CA SER B 131 28.78 3.29 4.69
C SER B 131 27.77 2.80 3.66
N GLY B 132 26.88 3.68 3.19
CA GLY B 132 25.90 3.24 2.20
C GLY B 132 24.50 3.17 2.79
N ALA B 133 23.64 2.41 2.14
CA ALA B 133 22.24 2.25 2.43
C ALA B 133 21.90 0.83 2.88
N TYR B 134 21.01 0.74 3.86
CA TYR B 134 20.59 -0.51 4.48
C TYR B 134 19.08 -0.67 4.58
N ARG B 135 18.67 -1.92 4.50
CA ARG B 135 17.38 -2.44 4.89
C ARG B 135 17.59 -3.54 5.95
N ASN B 136 17.16 -3.24 7.17
CA ASN B 136 17.35 -4.12 8.31
C ASN B 136 18.78 -4.63 8.35
N GLY B 137 19.73 -3.69 8.35
CA GLY B 137 21.13 -4.07 8.42
C GLY B 137 21.63 -4.79 7.19
N GLU B 138 20.87 -4.86 6.10
CA GLU B 138 21.43 -5.47 4.89
C GLU B 138 21.68 -4.39 3.85
N ARG B 139 22.84 -4.48 3.19
CA ARG B 139 23.12 -3.46 2.18
C ARG B 139 22.04 -3.51 1.10
N ILE B 140 21.56 -2.34 0.70
CA ILE B 140 20.61 -2.22 -0.40
C ILE B 140 21.18 -1.39 -1.54
N GLU B 141 20.52 -1.47 -2.69
CA GLU B 141 20.80 -0.70 -3.90
C GLU B 141 19.58 -0.67 -4.81
N VAL B 142 19.52 0.34 -5.67
CA VAL B 142 18.32 0.47 -6.49
C VAL B 142 18.27 -0.52 -7.66
N SER B 143 17.13 -0.51 -8.36
CA SER B 143 16.88 -1.34 -9.52
C SER B 143 17.84 -0.99 -10.65
N ASP B 144 18.02 -1.95 -11.56
CA ASP B 144 18.92 -1.84 -12.69
C ASP B 144 18.13 -1.52 -13.97
N ALA B 145 16.82 -1.44 -13.79
CA ALA B 145 15.81 -1.28 -14.82
C ALA B 145 16.16 -0.15 -15.79
N GLU B 146 16.17 -0.49 -17.08
CA GLU B 146 16.55 0.51 -18.07
C GLU B 146 15.37 0.82 -18.98
N GLU B 147 14.27 0.12 -18.70
CA GLU B 147 13.04 0.14 -19.48
C GLU B 147 11.97 1.02 -18.86
N LEU B 148 11.32 1.86 -19.67
CA LEU B 148 10.20 2.67 -19.18
C LEU B 148 9.02 1.76 -18.84
N TYR B 149 9.04 0.57 -19.44
CA TYR B 149 8.01 -0.40 -19.08
C TYR B 149 8.47 -1.03 -17.77
N CYS B 150 8.13 -0.38 -16.66
CA CYS B 150 8.62 -0.84 -15.36
C CYS B 150 7.58 -0.65 -14.27
N ASN B 151 7.98 -1.08 -13.08
CA ASN B 151 7.20 -0.98 -11.85
C ASN B 151 7.43 0.38 -11.23
N ALA B 152 6.47 1.29 -11.45
CA ALA B 152 6.64 2.64 -10.94
C ALA B 152 5.76 2.92 -9.73
N ILE B 153 6.28 3.69 -8.79
CA ILE B 153 5.45 4.38 -7.81
C ILE B 153 5.29 5.83 -8.25
N ILE B 154 4.08 6.29 -8.56
CA ILE B 154 4.00 7.70 -8.97
C ILE B 154 2.75 8.41 -8.47
N TYR B 155 2.96 9.62 -8.02
CA TYR B 155 2.04 10.67 -7.66
C TYR B 155 2.11 11.79 -8.68
N TYR B 156 1.13 12.00 -9.54
CA TYR B 156 -0.05 11.18 -9.75
C TYR B 156 -0.24 10.91 -11.24
N PRO B 157 -0.54 9.67 -11.56
CA PRO B 157 -0.75 9.34 -12.98
C PRO B 157 -1.94 10.16 -13.49
N ASP B 158 -1.68 11.04 -14.44
CA ASP B 158 -2.64 11.96 -15.03
C ASP B 158 -2.79 11.72 -16.52
N ARG B 159 -1.97 10.82 -17.05
CA ARG B 159 -1.97 10.53 -18.48
C ARG B 159 -1.76 9.04 -18.75
N LYS B 160 -1.96 8.64 -20.00
CA LYS B 160 -1.70 7.27 -20.42
C LYS B 160 -0.20 6.96 -20.32
N PHE B 161 0.12 5.97 -19.50
CA PHE B 161 1.51 5.66 -19.22
C PHE B 161 1.86 4.26 -19.69
N PRO B 162 3.15 4.00 -19.84
CA PRO B 162 3.67 2.70 -20.21
C PRO B 162 4.35 1.91 -19.10
N PHE B 163 4.06 2.20 -17.83
CA PHE B 163 4.72 1.42 -16.79
C PHE B 163 4.21 -0.01 -16.74
N LYS B 164 5.04 -0.98 -16.35
CA LYS B 164 4.41 -2.31 -16.21
C LYS B 164 3.45 -2.26 -15.03
N ARG B 165 3.75 -1.47 -14.00
CA ARG B 165 2.81 -1.21 -12.92
C ARG B 165 2.94 0.22 -12.39
N MET B 166 1.89 0.61 -11.69
CA MET B 166 1.85 1.85 -10.92
C MET B 166 1.25 1.52 -9.56
N ARG B 167 1.83 2.08 -8.51
CA ARG B 167 1.46 1.93 -7.11
C ARG B 167 1.56 3.28 -6.39
N ILE B 168 0.78 3.44 -5.33
CA ILE B 168 0.75 4.60 -4.47
C ILE B 168 0.35 4.10 -3.07
N PHE B 169 1.30 3.96 -2.16
CA PHE B 169 1.07 3.40 -0.84
C PHE B 169 0.80 4.44 0.25
N GLY B 170 0.89 5.74 -0.04
CA GLY B 170 0.48 6.73 0.93
C GLY B 170 1.54 7.21 1.88
N SER B 171 2.79 6.79 1.72
CA SER B 171 3.88 7.26 2.56
C SER B 171 5.15 7.43 1.74
N ALA B 172 5.40 8.63 1.22
CA ALA B 172 6.52 8.81 0.31
C ALA B 172 7.86 8.49 0.95
N ALA B 173 7.99 8.83 2.23
CA ALA B 173 9.17 8.47 3.00
C ALA B 173 9.44 6.97 2.85
N THR B 174 8.38 6.19 3.06
CA THR B 174 8.51 4.75 2.96
C THR B 174 8.72 4.32 1.51
N GLU B 175 7.88 4.82 0.61
CA GLU B 175 7.92 4.47 -0.79
C GLU B 175 9.23 4.85 -1.45
N LEU B 176 9.86 5.91 -0.95
CA LEU B 176 11.20 6.25 -1.44
C LEU B 176 12.15 5.14 -1.05
N CYS B 177 11.80 4.40 0.03
CA CYS B 177 12.73 3.32 0.40
C CYS B 177 12.46 2.08 -0.45
N PHE B 178 11.20 1.85 -0.84
CA PHE B 178 10.93 0.72 -1.74
C PHE B 178 11.72 0.90 -3.04
N PHE B 179 11.91 2.15 -3.50
CA PHE B 179 12.74 2.31 -4.69
C PHE B 179 14.22 2.15 -4.32
N ALA B 180 14.55 2.58 -3.11
CA ALA B 180 15.91 2.60 -2.62
C ALA B 180 16.53 1.21 -2.57
N ASP B 181 15.72 0.26 -2.12
CA ASP B 181 16.13 -1.12 -1.94
C ASP B 181 15.93 -1.91 -3.24
N GLY B 182 15.42 -1.21 -4.26
CA GLY B 182 15.08 -1.83 -5.51
C GLY B 182 13.78 -2.60 -5.47
N SER B 183 12.88 -2.31 -4.52
CA SER B 183 11.62 -3.04 -4.52
C SER B 183 10.72 -2.50 -5.63
N PHE B 184 10.97 -1.26 -6.01
CA PHE B 184 10.34 -0.62 -7.16
C PHE B 184 11.43 0.00 -8.04
N ASP B 185 11.10 0.23 -9.30
CA ASP B 185 12.05 0.77 -10.26
C ASP B 185 12.23 2.27 -10.12
N CYS B 186 11.17 2.98 -9.75
CA CYS B 186 11.30 4.44 -9.68
C CYS B 186 10.25 5.10 -8.80
N PHE B 187 10.65 6.19 -8.13
CA PHE B 187 9.70 7.00 -7.41
C PHE B 187 9.60 8.34 -8.15
N LEU B 188 8.35 8.72 -8.39
CA LEU B 188 8.01 9.99 -9.02
C LEU B 188 6.88 10.66 -8.27
N ASP B 189 7.13 11.89 -7.85
CA ASP B 189 6.04 12.75 -7.42
C ASP B 189 6.08 13.97 -8.34
N ILE B 190 5.01 14.12 -9.11
CA ILE B 190 5.01 15.12 -10.16
C ILE B 190 3.79 16.02 -10.09
N ARG B 191 3.06 15.94 -8.98
CA ARG B 191 1.91 16.78 -8.71
C ARG B 191 2.32 18.24 -8.94
N PRO B 192 1.64 18.87 -9.88
CA PRO B 192 2.00 20.23 -10.32
C PRO B 192 2.00 21.23 -9.18
N GLY B 193 1.14 21.02 -8.18
CA GLY B 193 1.12 21.93 -7.05
C GLY B 193 2.32 21.79 -6.12
N LYS B 194 3.28 20.94 -6.46
CA LYS B 194 4.49 20.73 -5.65
C LYS B 194 4.17 20.54 -4.17
N MET B 195 3.64 19.39 -3.79
CA MET B 195 3.04 19.16 -2.49
C MET B 195 4.07 18.85 -1.39
N LEU B 196 4.92 17.89 -1.69
CA LEU B 196 5.95 17.41 -0.79
C LEU B 196 6.66 18.54 -0.05
N ARG B 197 6.94 18.27 1.22
CA ARG B 197 7.78 19.10 2.07
C ARG B 197 9.00 18.30 2.51
N ILE B 198 10.00 19.05 2.92
CA ILE B 198 11.33 18.54 3.24
C ILE B 198 11.23 17.29 4.11
N TYR B 199 10.51 17.31 5.23
CA TYR B 199 10.44 16.10 6.03
C TYR B 199 9.72 14.95 5.33
N ASP B 200 9.05 15.23 4.21
CA ASP B 200 8.49 14.11 3.47
C ASP B 200 9.60 13.34 2.76
N ALA B 201 10.52 14.09 2.15
CA ALA B 201 11.44 13.52 1.19
C ALA B 201 12.89 13.36 1.62
N ALA B 202 13.38 14.17 2.55
CA ALA B 202 14.82 14.25 2.79
C ALA B 202 15.43 12.89 3.12
N ALA B 203 14.88 12.11 4.03
CA ALA B 203 15.51 10.83 4.39
C ALA B 203 15.37 9.79 3.31
N GLY B 204 14.24 9.80 2.60
CA GLY B 204 14.04 8.84 1.51
C GLY B 204 15.01 9.13 0.39
N VAL B 205 15.15 10.41 0.04
CA VAL B 205 16.10 10.84 -0.98
C VAL B 205 17.50 10.40 -0.60
N PHE B 206 17.95 10.77 0.61
CA PHE B 206 19.30 10.44 1.06
C PHE B 206 19.51 8.94 1.06
N ILE B 207 18.49 8.18 1.49
CA ILE B 207 18.68 6.73 1.45
C ILE B 207 18.80 6.26 0.01
N ALA B 208 17.93 6.73 -0.87
CA ALA B 208 17.95 6.20 -2.25
C ALA B 208 19.21 6.59 -3.00
N GLU B 209 19.59 7.86 -2.92
CA GLU B 209 20.83 8.28 -3.55
C GLU B 209 22.00 7.47 -3.02
N LYS B 210 22.01 7.24 -1.70
CA LYS B 210 23.10 6.39 -1.21
C LYS B 210 23.04 5.00 -1.82
N ALA B 211 21.86 4.58 -2.24
CA ALA B 211 21.60 3.25 -2.79
C ALA B 211 21.89 3.22 -4.29
N GLY B 212 22.37 4.36 -4.80
CA GLY B 212 22.82 4.44 -6.17
C GLY B 212 21.80 5.09 -7.08
N GLY B 213 20.73 5.65 -6.49
CA GLY B 213 19.71 6.24 -7.35
C GLY B 213 20.01 7.67 -7.70
N LYS B 214 19.54 8.09 -8.88
CA LYS B 214 19.61 9.50 -9.25
C LYS B 214 18.35 10.20 -8.76
N VAL B 215 18.41 11.04 -7.74
CA VAL B 215 17.20 11.73 -7.29
C VAL B 215 17.24 13.23 -7.49
N THR B 216 16.30 13.78 -8.26
CA THR B 216 16.30 15.19 -8.61
C THR B 216 14.91 15.80 -8.54
N GLU B 217 14.87 17.13 -8.74
CA GLU B 217 13.61 17.83 -8.95
C GLU B 217 13.08 17.50 -10.35
N LEU B 218 11.85 17.95 -10.59
CA LEU B 218 11.07 17.66 -11.78
C LEU B 218 11.81 17.94 -13.08
N ASP B 219 12.73 18.90 -13.02
CA ASP B 219 13.45 19.31 -14.22
C ASP B 219 14.65 18.42 -14.49
N GLY B 220 15.19 17.85 -13.42
CA GLY B 220 16.43 17.12 -13.49
C GLY B 220 17.49 17.85 -12.66
N GLU B 221 17.13 19.03 -12.18
CA GLU B 221 18.03 19.77 -11.28
C GLU B 221 18.09 19.14 -9.90
N SER B 222 19.27 19.19 -9.29
CA SER B 222 19.49 18.64 -7.97
C SER B 222 18.59 19.28 -6.92
N LEU B 223 18.47 18.60 -5.78
CA LEU B 223 17.73 19.01 -4.61
C LEU B 223 18.66 19.50 -3.50
N GLY B 224 19.97 19.55 -3.78
CA GLY B 224 20.96 19.95 -2.79
C GLY B 224 20.60 21.22 -2.06
N ASN B 225 19.94 22.16 -2.74
CA ASN B 225 19.60 23.38 -2.03
C ASN B 225 18.16 23.37 -1.56
N LYS B 226 17.60 22.18 -1.34
CA LYS B 226 16.28 22.18 -0.69
C LYS B 226 16.49 22.53 0.77
N LYS B 227 15.64 23.39 1.32
CA LYS B 227 15.79 23.95 2.65
C LYS B 227 15.16 23.11 3.76
N PHE B 228 15.81 23.06 4.92
CA PHE B 228 15.15 22.48 6.09
C PHE B 228 14.32 23.53 6.84
N ASP B 229 13.20 23.93 6.26
CA ASP B 229 12.21 24.85 6.77
C ASP B 229 10.82 24.42 6.29
N MET B 230 9.80 25.15 6.74
CA MET B 230 8.45 24.63 6.48
C MET B 230 7.91 25.04 5.12
N GLN B 231 8.50 26.09 4.55
CA GLN B 231 8.05 26.65 3.28
C GLN B 231 8.55 25.82 2.11
N GLU B 232 9.58 25.02 2.40
CA GLU B 232 10.17 24.23 1.31
C GLU B 232 9.16 23.21 0.79
N ARG B 233 9.07 23.09 -0.53
CA ARG B 233 8.27 22.03 -1.11
C ARG B 233 9.02 21.45 -2.31
N LEU B 234 8.53 20.33 -2.81
CA LEU B 234 9.27 19.79 -3.95
C LEU B 234 8.48 18.72 -4.71
N ASN B 235 8.96 18.47 -5.90
CA ASN B 235 8.68 17.41 -6.84
C ASN B 235 9.85 16.45 -6.87
N ILE B 236 9.62 15.20 -7.25
CA ILE B 236 10.69 14.20 -7.18
C ILE B 236 10.67 13.28 -8.39
N VAL B 237 11.86 12.98 -8.90
CA VAL B 237 12.02 11.98 -9.94
C VAL B 237 13.18 11.08 -9.53
N ALA B 238 12.89 9.79 -9.36
CA ALA B 238 13.83 8.83 -8.82
C ALA B 238 13.90 7.58 -9.72
N ALA B 239 15.10 7.12 -9.99
CA ALA B 239 15.40 5.99 -10.85
C ALA B 239 16.91 5.76 -10.88
N ASN B 240 17.35 4.63 -11.42
CA ASN B 240 18.77 4.42 -11.68
C ASN B 240 19.17 5.40 -12.77
N GLU B 241 20.47 5.65 -12.87
CA GLU B 241 21.02 6.62 -13.80
C GLU B 241 20.53 6.35 -15.22
N LYS B 242 20.46 5.09 -15.65
CA LYS B 242 20.04 4.90 -17.05
C LYS B 242 18.58 5.25 -17.23
N LEU B 243 17.77 4.86 -16.24
CA LEU B 243 16.33 5.06 -16.40
C LEU B 243 15.95 6.51 -16.18
N HIS B 244 16.69 7.16 -15.28
CA HIS B 244 16.28 8.49 -14.83
C HIS B 244 16.13 9.48 -15.97
N PRO B 245 17.12 9.76 -16.80
CA PRO B 245 16.92 10.63 -17.97
C PRO B 245 15.70 10.26 -18.80
N LYS B 246 15.35 8.98 -18.81
CA LYS B 246 14.17 8.56 -19.58
C LYS B 246 12.87 9.15 -19.05
N LEU B 247 12.66 9.13 -17.73
CA LEU B 247 11.39 9.61 -17.17
C LEU B 247 11.28 11.12 -17.30
N LEU B 248 12.44 11.76 -17.42
CA LEU B 248 12.45 13.20 -17.65
C LEU B 248 11.87 13.52 -19.02
N GLU B 249 12.28 12.80 -20.05
CA GLU B 249 11.68 13.12 -21.36
C GLU B 249 10.23 12.66 -21.39
N LEU B 250 9.98 11.54 -20.71
CA LEU B 250 8.63 11.03 -20.59
C LEU B 250 7.72 12.11 -20.04
N ILE B 251 7.99 12.53 -18.81
CA ILE B 251 7.13 13.48 -18.10
C ILE B 251 7.11 14.86 -18.74
N LYS B 252 7.98 15.08 -19.71
CA LYS B 252 8.02 16.33 -20.46
C LYS B 252 6.62 16.69 -20.92
O1 F6P C . -4.71 -10.54 -10.22
C1 F6P C . -5.34 -9.42 -9.59
C2 F6P C . -4.37 -8.48 -8.97
O2 F6P C . -3.32 -9.25 -8.56
C3 F6P C . -4.79 -7.59 -7.75
O3 F6P C . -4.37 -8.18 -6.54
C4 F6P C . -4.07 -6.32 -8.02
O4 F6P C . -4.65 -5.46 -7.08
C5 F6P C . -4.38 -6.30 -9.51
O5 F6P C . -3.90 -7.59 -9.91
C6 F6P C . -3.71 -5.16 -10.26
O6 F6P C . -4.09 -5.22 -11.64
P F6P C . -3.75 -6.50 -12.48
O1P F6P C . -4.87 -7.52 -12.10
O2P F6P C . -2.40 -6.99 -11.87
O3P F6P C . -3.65 -6.28 -13.95
MN MN D . -4.89 -11.89 -7.55
MN MN E . -2.82 -14.24 -6.37
MN MN F . -1.05 -15.18 -11.49
P PO4 G . -1.50 -11.92 -8.11
O1 PO4 G . -2.94 -12.12 -7.86
O2 PO4 G . -0.71 -13.18 -8.07
O3 PO4 G . -1.33 -11.29 -9.49
O4 PO4 G . -0.94 -10.96 -7.09
O1 F6P H . 1.42 14.28 3.12
C1 F6P H . 2.56 13.50 2.75
C2 F6P H . 2.29 12.06 2.52
O2 F6P H . 2.09 11.48 3.76
C3 F6P H . 3.29 11.20 1.73
O3 F6P H . 3.94 10.26 2.56
C4 F6P H . 2.51 10.61 0.62
O4 F6P H . 3.46 10.39 -0.38
C5 F6P H . 1.47 11.71 0.48
O5 F6P H . 1.08 11.92 1.85
C6 F6P H . 0.31 11.31 -0.40
O6 F6P H . -0.40 12.49 -0.78
P F6P H . -1.96 12.43 -0.87
O1P F6P H . -2.22 11.27 -1.85
O2P F6P H . -2.34 13.79 -1.53
O3P F6P H . -2.61 12.24 0.47
MN MN I . 4.47 13.54 5.39
MN MN J . 3.50 13.29 9.12
MN MN K . 0.09 16.95 7.86
P PO4 L . 1.39 12.63 6.86
O1 PO4 L . 1.76 13.57 5.77
O2 PO4 L . 2.56 12.36 7.75
O3 PO4 L . 0.30 13.24 7.70
O4 PO4 L . 0.88 11.34 6.28
#